data_4WZE
#
_entry.id   4WZE
#
_cell.length_a   97.020
_cell.length_b   58.500
_cell.length_c   113.860
_cell.angle_alpha   90.000
_cell.angle_beta   108.100
_cell.angle_gamma   90.000
#
_symmetry.space_group_name_H-M   'C 1 2 1'
#
loop_
_entity.id
_entity.type
_entity.pdbx_description
1 polymer VP1
2 branched alpha-L-fucopyranose-(1-2)-beta-D-galactopyranose-(1-4)-[alpha-L-fucopyranose-(1-3)]2-acetamido-2-deoxy-alpha-D-glucopyranose
3 non-polymer 'ACETATE ION'
4 water water
#
_entity_poly.entity_id   1
_entity_poly.type   'polypeptide(L)'
_entity_poly.pdbx_seq_one_letter_code
;GSKPFTVPILTVEEMTNSRFPIPLEKLFTGPSGAFVVQPQNGRCTTDGVLLGTTQLSPVNICTFRGDVTHIAGSRNYTMN
LASLNWNNYDPTEEIPAPLGTPDFVGKIQGLLTQTTKGDGSTRGHKATVYTGSAPFTPKLGSVQFSTDTENDFETHQNTK
FTPVGVIQDGSTTHRNEPQQWVLPSYSGRNVHNVHLAPAVAPTFPGEQLLFFRSTMPGCSGYPNMDLDCLLPQEWVQHFY
QEAAPAQSDVALLRFVNPDTGRVLFECKLHKSGYVTVAHTGQHDLVIPPNGYFRFDSWVNQFYTLAPM
;
_entity_poly.pdbx_strand_id   A,B
#
# COMPACT_ATOMS: atom_id res chain seq x y z
N GLY A 1 4.53 23.74 -26.71
CA GLY A 1 5.75 23.31 -26.08
C GLY A 1 5.61 22.72 -24.70
N SER A 2 4.43 22.18 -24.41
CA SER A 2 4.14 21.56 -23.13
C SER A 2 4.29 20.05 -23.26
N LYS A 3 4.87 19.43 -22.26
CA LYS A 3 4.91 17.98 -22.23
C LYS A 3 3.48 17.41 -22.14
N PRO A 4 3.21 16.41 -22.91
CA PRO A 4 1.88 15.87 -23.05
C PRO A 4 1.41 15.17 -21.81
N PHE A 5 0.21 15.52 -21.46
CA PHE A 5 -0.44 14.99 -20.29
C PHE A 5 -0.99 13.60 -20.56
N THR A 6 -0.91 12.74 -19.55
CA THR A 6 -1.44 11.38 -19.59
C THR A 6 -1.93 10.97 -18.23
N VAL A 7 -2.79 9.98 -18.23
CA VAL A 7 -3.17 9.29 -17.03
C VAL A 7 -2.79 7.83 -17.22
N PRO A 8 -2.62 7.14 -16.09
CA PRO A 8 -2.24 5.74 -16.11
C PRO A 8 -3.29 4.89 -16.77
N ILE A 9 -2.85 3.79 -17.31
CA ILE A 9 -3.72 2.84 -17.95
C ILE A 9 -4.19 1.71 -17.07
N LEU A 10 -3.82 1.78 -15.81
CA LEU A 10 -4.28 0.81 -14.86
C LEU A 10 -5.79 0.91 -14.72
N THR A 11 -6.44 -0.21 -14.53
CA THR A 11 -7.85 -0.24 -14.34
C THR A 11 -8.17 0.12 -12.92
N VAL A 12 -9.42 0.39 -12.65
CA VAL A 12 -9.83 0.82 -11.36
C VAL A 12 -9.46 -0.22 -10.30
N GLU A 13 -9.71 -1.46 -10.58
CA GLU A 13 -9.44 -2.50 -9.65
C GLU A 13 -7.95 -2.79 -9.47
N GLU A 14 -7.12 -2.23 -10.32
CA GLU A 14 -5.69 -2.36 -10.26
C GLU A 14 -5.07 -1.18 -9.49
N MET A 15 -5.86 -0.32 -8.92
CA MET A 15 -5.39 0.89 -8.25
C MET A 15 -5.84 0.94 -6.79
N THR A 16 -5.22 1.88 -6.11
CA THR A 16 -5.28 2.05 -4.66
C THR A 16 -5.96 3.38 -4.21
N ASN A 17 -6.76 3.29 -3.17
CA ASN A 17 -7.35 4.46 -2.58
C ASN A 17 -6.27 5.33 -2.02
N SER A 18 -6.43 6.61 -2.19
CA SER A 18 -5.48 7.59 -1.72
C SER A 18 -5.78 8.13 -0.31
N ARG A 19 -6.85 7.67 0.30
CA ARG A 19 -7.26 8.11 1.61
C ARG A 19 -7.20 7.04 2.72
N PHE A 20 -6.94 5.83 2.27
CA PHE A 20 -6.74 4.68 3.13
C PHE A 20 -6.05 3.58 2.30
N PRO A 21 -5.19 2.77 2.97
CA PRO A 21 -4.37 1.80 2.22
C PRO A 21 -5.12 0.53 1.89
N ILE A 22 -6.05 0.71 1.00
CA ILE A 22 -6.86 -0.35 0.49
C ILE A 22 -7.13 -0.10 -1.00
N PRO A 23 -7.40 -1.25 -1.69
CA PRO A 23 -7.68 -1.20 -3.13
C PRO A 23 -8.96 -0.45 -3.47
N LEU A 24 -8.95 0.14 -4.64
CA LEU A 24 -10.19 0.61 -5.22
C LEU A 24 -11.08 -0.54 -5.65
N GLU A 25 -12.36 -0.31 -5.50
CA GLU A 25 -13.37 -1.29 -5.88
C GLU A 25 -14.26 -0.87 -7.05
N LYS A 26 -14.63 0.40 -7.08
CA LYS A 26 -15.62 0.90 -7.99
C LYS A 26 -15.58 2.39 -8.14
N LEU A 27 -16.30 2.89 -9.12
CA LEU A 27 -16.54 4.29 -9.29
C LEU A 27 -17.95 4.59 -8.83
N PHE A 28 -18.09 5.73 -8.18
CA PHE A 28 -19.35 6.20 -7.64
C PHE A 28 -19.55 7.69 -7.89
N THR A 29 -20.78 8.05 -8.22
CA THR A 29 -21.16 9.44 -8.33
C THR A 29 -22.42 9.74 -7.54
N GLY A 30 -22.45 10.89 -6.94
CA GLY A 30 -23.58 11.34 -6.18
C GLY A 30 -23.52 12.83 -5.96
N PRO A 31 -24.66 13.39 -5.56
CA PRO A 31 -24.69 14.82 -5.26
C PRO A 31 -23.93 15.14 -4.02
N SER A 32 -23.27 16.28 -4.03
CA SER A 32 -22.56 16.75 -2.88
C SER A 32 -22.70 18.23 -2.63
N GLY A 33 -23.82 18.76 -3.07
CA GLY A 33 -24.20 20.15 -2.86
C GLY A 33 -24.42 20.55 -1.44
N ALA A 34 -24.86 19.62 -0.63
CA ALA A 34 -25.29 19.91 0.70
C ALA A 34 -24.17 19.97 1.75
N PHE A 35 -22.97 19.64 1.32
CA PHE A 35 -21.88 19.55 2.25
C PHE A 35 -20.54 19.80 1.58
N VAL A 36 -19.54 20.04 2.39
CA VAL A 36 -18.24 20.38 1.88
C VAL A 36 -17.35 19.12 1.61
N VAL A 37 -16.85 18.97 0.41
CA VAL A 37 -15.93 17.90 0.06
C VAL A 37 -14.51 18.44 0.04
N GLN A 38 -13.78 18.19 1.11
CA GLN A 38 -12.46 18.75 1.33
C GLN A 38 -11.41 17.78 1.92
N PRO A 39 -11.28 16.63 1.25
CA PRO A 39 -10.28 15.68 1.72
C PRO A 39 -8.89 16.23 1.51
N GLN A 40 -7.97 15.78 2.35
CA GLN A 40 -6.62 16.25 2.38
C GLN A 40 -5.58 15.24 1.90
N ASN A 41 -5.97 13.98 1.90
CA ASN A 41 -5.20 12.94 1.25
C ASN A 41 -5.79 12.71 -0.14
N GLY A 42 -4.96 12.26 -1.03
CA GLY A 42 -5.28 12.13 -2.40
C GLY A 42 -5.55 13.40 -3.13
N ARG A 43 -4.75 14.39 -2.80
CA ARG A 43 -4.83 15.70 -3.42
C ARG A 43 -3.53 16.07 -4.11
N CYS A 44 -3.65 16.27 -5.39
CA CYS A 44 -2.55 16.55 -6.27
C CYS A 44 -3.08 17.21 -7.54
N THR A 45 -2.37 18.22 -8.00
CA THR A 45 -2.67 18.82 -9.24
C THR A 45 -2.22 17.95 -10.38
N THR A 46 -2.77 18.17 -11.54
CA THR A 46 -2.45 17.38 -12.69
C THR A 46 -1.00 17.56 -13.11
N ASP A 47 -0.42 18.66 -12.73
CA ASP A 47 0.98 18.92 -13.01
C ASP A 47 1.91 18.52 -11.89
N GLY A 48 1.38 17.82 -10.91
CA GLY A 48 2.20 17.15 -9.93
C GLY A 48 2.52 17.82 -8.65
N VAL A 49 1.73 18.77 -8.25
CA VAL A 49 1.91 19.42 -6.97
C VAL A 49 1.00 18.79 -5.96
N LEU A 50 1.63 18.23 -4.96
CA LEU A 50 0.93 17.61 -3.87
C LEU A 50 0.31 18.65 -2.98
N LEU A 51 -0.90 18.40 -2.54
CA LEU A 51 -1.64 19.29 -1.70
C LEU A 51 -2.09 18.65 -0.40
N GLY A 52 -2.53 19.48 0.52
CA GLY A 52 -2.95 19.02 1.79
C GLY A 52 -1.92 18.27 2.57
N THR A 53 -2.32 17.08 3.01
CA THR A 53 -1.46 16.18 3.72
C THR A 53 -0.97 15.04 2.81
N THR A 54 -1.10 15.21 1.53
CA THR A 54 -0.79 14.15 0.58
C THR A 54 0.71 13.89 0.44
N GLN A 55 1.05 12.61 0.48
CA GLN A 55 2.36 12.07 0.26
C GLN A 55 2.25 10.89 -0.71
N LEU A 56 3.39 10.40 -1.11
CA LEU A 56 3.47 9.51 -2.24
C LEU A 56 3.25 8.01 -1.98
N SER A 57 3.36 7.59 -0.76
CA SER A 57 3.25 6.18 -0.42
C SER A 57 1.83 5.76 -0.12
N PRO A 58 1.40 4.71 -0.83
CA PRO A 58 0.13 4.10 -0.56
C PRO A 58 0.02 3.47 0.80
N VAL A 59 1.12 3.07 1.37
CA VAL A 59 1.09 2.37 2.63
C VAL A 59 1.35 3.24 3.85
N ASN A 60 1.68 4.49 3.64
CA ASN A 60 1.86 5.43 4.74
C ASN A 60 0.57 6.22 5.11
N ILE A 61 -0.46 5.98 4.33
CA ILE A 61 -1.69 6.66 4.55
C ILE A 61 -2.38 6.17 5.83
N CYS A 62 -2.71 7.12 6.68
CA CYS A 62 -3.30 6.86 7.98
C CYS A 62 -2.38 6.15 8.97
N THR A 63 -1.09 6.23 8.71
CA THR A 63 -0.08 5.78 9.65
C THR A 63 0.36 6.91 10.58
N PHE A 64 0.94 6.53 11.68
CA PHE A 64 1.60 7.46 12.61
C PHE A 64 2.89 6.78 13.10
N ARG A 65 3.87 7.60 13.39
CA ARG A 65 5.16 7.14 13.88
C ARG A 65 5.64 8.09 14.99
N GLY A 66 6.33 7.56 15.96
CA GLY A 66 6.79 8.36 17.07
C GLY A 66 7.24 7.51 18.23
N ASP A 67 7.12 8.06 19.42
CA ASP A 67 7.33 7.30 20.64
C ASP A 67 6.18 7.59 21.54
N VAL A 68 5.95 6.70 22.49
CA VAL A 68 4.76 6.70 23.27
C VAL A 68 4.99 6.80 24.78
N THR A 69 4.01 7.38 25.45
CA THR A 69 3.93 7.50 26.87
C THR A 69 2.61 7.01 27.39
N HIS A 70 2.65 6.17 28.42
CA HIS A 70 1.47 5.60 29.01
C HIS A 70 0.69 6.57 29.84
N ILE A 71 -0.61 6.48 29.75
CA ILE A 71 -1.47 7.27 30.60
C ILE A 71 -2.00 6.39 31.73
N ALA A 72 -1.65 6.79 32.93
CA ALA A 72 -1.93 5.97 34.08
C ALA A 72 -3.39 5.72 34.31
N GLY A 73 -3.71 4.52 34.76
CA GLY A 73 -5.07 4.13 34.97
C GLY A 73 -5.88 3.79 33.75
N SER A 74 -5.18 3.50 32.66
CA SER A 74 -5.83 3.26 31.39
C SER A 74 -4.96 2.40 30.53
N ARG A 75 -5.51 2.08 29.39
CA ARG A 75 -4.78 1.43 28.34
C ARG A 75 -4.43 2.42 27.23
N ASN A 76 -4.38 3.67 27.58
CA ASN A 76 -4.15 4.71 26.61
C ASN A 76 -2.72 5.16 26.57
N TYR A 77 -2.23 5.45 25.39
CA TYR A 77 -0.89 5.97 25.18
C TYR A 77 -0.89 7.25 24.33
N THR A 78 -0.07 8.21 24.72
CA THR A 78 0.15 9.36 23.95
C THR A 78 1.35 9.15 23.07
N MET A 79 1.18 9.37 21.78
CA MET A 79 2.29 9.34 20.84
C MET A 79 2.75 10.73 20.49
N ASN A 80 4.01 10.94 20.78
CA ASN A 80 4.71 12.12 20.35
C ASN A 80 5.26 11.83 18.98
N LEU A 81 4.73 12.53 18.01
CA LEU A 81 4.98 12.25 16.62
C LEU A 81 6.37 12.60 16.13
N ALA A 82 6.86 11.71 15.31
CA ALA A 82 7.98 11.92 14.47
C ALA A 82 7.54 12.16 13.04
N SER A 83 8.49 12.54 12.22
CA SER A 83 8.30 12.71 10.79
C SER A 83 8.16 11.36 10.12
N LEU A 84 7.78 11.38 8.86
CA LEU A 84 7.59 10.15 8.15
C LEU A 84 8.86 9.39 8.15
N ASN A 85 9.96 10.11 8.25
CA ASN A 85 11.28 9.56 8.14
C ASN A 85 11.95 9.34 9.47
N TRP A 86 11.19 9.51 10.53
CA TRP A 86 11.60 9.23 11.90
C TRP A 86 12.50 10.28 12.53
N ASN A 87 12.49 11.43 11.95
CA ASN A 87 13.15 12.60 12.50
C ASN A 87 12.19 13.42 13.34
N ASN A 88 12.67 14.47 13.97
CA ASN A 88 11.83 15.30 14.75
C ASN A 88 10.76 15.93 13.87
N TYR A 89 9.57 16.08 14.42
CA TYR A 89 8.45 16.67 13.74
C TYR A 89 8.50 18.19 13.81
N ASP A 90 8.26 18.83 12.70
CA ASP A 90 8.17 20.27 12.64
C ASP A 90 6.80 20.79 12.42
N PRO A 91 6.24 21.38 13.46
CA PRO A 91 4.90 21.92 13.40
C PRO A 91 4.74 23.19 12.60
N THR A 92 5.83 23.78 12.18
CA THR A 92 5.75 25.00 11.43
C THR A 92 5.73 24.83 9.93
N GLU A 93 5.85 23.61 9.47
CA GLU A 93 5.72 23.34 8.06
C GLU A 93 4.33 23.74 7.60
N GLU A 94 4.25 24.24 6.40
CA GLU A 94 3.04 24.79 5.87
C GLU A 94 2.13 23.69 5.30
N ILE A 95 1.74 22.82 6.21
CA ILE A 95 0.82 21.76 5.94
C ILE A 95 -0.16 21.69 7.07
N PRO A 96 -1.33 21.06 6.80
CA PRO A 96 -2.37 20.98 7.81
C PRO A 96 -2.02 20.14 9.02
N ALA A 97 -1.22 19.14 8.76
CA ALA A 97 -0.85 18.11 9.68
C ALA A 97 0.28 17.29 9.05
N PRO A 98 0.86 16.39 9.81
CA PRO A 98 1.89 15.53 9.23
C PRO A 98 1.34 14.77 8.04
N LEU A 99 2.19 14.58 7.07
CA LEU A 99 1.78 13.94 5.85
C LEU A 99 1.26 12.56 6.14
N GLY A 100 0.16 12.25 5.51
CA GLY A 100 -0.51 10.97 5.69
C GLY A 100 -1.48 10.85 6.84
N THR A 101 -1.62 11.92 7.58
CA THR A 101 -2.54 11.97 8.66
C THR A 101 -3.92 11.72 8.11
N PRO A 102 -4.71 10.96 8.88
CA PRO A 102 -6.09 10.75 8.46
C PRO A 102 -6.84 12.06 8.24
N ASP A 103 -7.68 12.09 7.24
CA ASP A 103 -8.42 13.26 6.87
C ASP A 103 -9.93 13.15 7.11
N PHE A 104 -10.32 12.30 8.02
CA PHE A 104 -11.70 12.11 8.37
C PHE A 104 -11.85 11.84 9.83
N VAL A 105 -13.05 12.14 10.34
CA VAL A 105 -13.40 11.84 11.69
C VAL A 105 -13.96 10.43 11.82
N GLY A 106 -13.22 9.64 12.57
CA GLY A 106 -13.52 8.27 12.76
C GLY A 106 -12.64 7.61 13.80
N LYS A 107 -13.02 6.40 14.13
CA LYS A 107 -12.26 5.55 15.00
C LYS A 107 -11.55 4.46 14.16
N ILE A 108 -10.25 4.69 13.99
CA ILE A 108 -9.41 3.88 13.16
C ILE A 108 -8.63 2.92 14.03
N GLN A 109 -8.80 1.68 13.69
CA GLN A 109 -8.20 0.59 14.40
C GLN A 109 -7.12 -0.09 13.56
N GLY A 110 -6.09 -0.49 14.26
CA GLY A 110 -4.95 -1.14 13.68
C GLY A 110 -4.07 -1.80 14.74
N LEU A 111 -2.79 -1.88 14.41
CA LEU A 111 -1.82 -2.33 15.36
C LEU A 111 -0.77 -1.24 15.61
N LEU A 112 -0.42 -1.11 16.87
CA LEU A 112 0.72 -0.35 17.29
C LEU A 112 1.87 -1.30 17.58
N THR A 113 3.00 -1.06 16.93
CA THR A 113 4.15 -1.95 17.01
C THR A 113 5.37 -1.17 17.42
N GLN A 114 6.29 -1.86 18.05
CA GLN A 114 7.47 -1.23 18.60
C GLN A 114 8.64 -2.18 18.64
N THR A 115 9.81 -1.62 18.41
CA THR A 115 11.06 -2.31 18.51
C THR A 115 12.00 -1.55 19.47
N THR A 116 12.62 -2.29 20.36
CA THR A 116 13.65 -1.77 21.24
C THR A 116 15.00 -1.82 20.55
N LYS A 117 15.64 -0.68 20.42
CA LYS A 117 16.83 -0.57 19.63
C LYS A 117 17.95 -1.45 20.12
N GLY A 118 18.15 -1.52 21.42
CA GLY A 118 19.27 -2.22 21.96
C GLY A 118 19.35 -3.69 21.72
N ASP A 119 18.25 -4.40 21.84
CA ASP A 119 18.22 -5.81 21.65
C ASP A 119 17.33 -6.39 20.56
N GLY A 120 16.59 -5.54 19.89
CA GLY A 120 15.76 -5.98 18.83
C GLY A 120 14.52 -6.71 19.26
N SER A 121 14.15 -6.55 20.52
CA SER A 121 12.90 -7.04 21.05
C SER A 121 11.74 -6.19 20.51
N THR A 122 10.61 -6.85 20.34
CA THR A 122 9.48 -6.26 19.67
C THR A 122 8.16 -6.59 20.36
N ARG A 123 7.18 -5.75 20.11
CA ARG A 123 5.85 -5.89 20.64
C ARG A 123 4.80 -5.15 19.78
N GLY A 124 3.62 -5.73 19.73
CA GLY A 124 2.51 -5.20 18.99
C GLY A 124 1.20 -5.45 19.66
N HIS A 125 0.32 -4.47 19.59
CA HIS A 125 -0.94 -4.54 20.24
C HIS A 125 -2.00 -3.83 19.42
N LYS A 126 -3.23 -4.31 19.52
CA LYS A 126 -4.35 -3.67 18.88
C LYS A 126 -4.54 -2.30 19.46
N ALA A 127 -4.81 -1.34 18.60
CA ALA A 127 -4.92 0.02 18.98
C ALA A 127 -5.89 0.78 18.10
N THR A 128 -6.51 1.77 18.70
CA THR A 128 -7.45 2.66 18.05
C THR A 128 -7.15 4.12 18.29
N VAL A 129 -7.27 4.89 17.24
CA VAL A 129 -7.20 6.33 17.33
C VAL A 129 -8.54 6.95 16.91
N TYR A 130 -9.08 7.80 17.78
CA TYR A 130 -10.26 8.59 17.49
C TYR A 130 -9.88 9.98 17.03
N THR A 131 -10.05 10.21 15.76
CA THR A 131 -9.59 11.40 15.12
C THR A 131 -10.50 12.62 15.41
N GLY A 132 -11.62 12.34 16.03
CA GLY A 132 -12.53 13.38 16.48
C GLY A 132 -12.37 13.71 17.93
N SER A 133 -11.47 13.07 18.63
CA SER A 133 -11.21 13.29 20.03
C SER A 133 -10.37 14.55 20.36
N ALA A 134 -10.53 15.05 21.57
CA ALA A 134 -9.86 16.26 21.99
C ALA A 134 -8.36 16.13 21.95
N PRO A 135 -7.86 14.95 22.29
CA PRO A 135 -6.43 14.66 22.25
C PRO A 135 -5.83 14.41 20.85
N PHE A 136 -6.66 14.43 19.81
CA PHE A 136 -6.17 14.31 18.47
C PHE A 136 -5.69 15.66 17.98
N THR A 137 -4.40 15.87 18.18
CA THR A 137 -3.74 17.10 17.82
C THR A 137 -2.43 16.88 17.06
N PRO A 138 -2.58 16.19 15.93
CA PRO A 138 -1.38 15.81 15.17
C PRO A 138 -0.56 16.99 14.70
N LYS A 139 -1.21 18.07 14.36
CA LYS A 139 -0.50 19.25 13.91
C LYS A 139 0.38 19.81 15.03
N LEU A 140 -0.06 19.64 16.24
CA LEU A 140 0.70 20.06 17.41
C LEU A 140 1.69 18.99 17.85
N GLY A 141 1.70 17.86 17.18
CA GLY A 141 2.65 16.81 17.45
C GLY A 141 2.30 15.62 18.33
N SER A 142 1.06 15.49 18.69
CA SER A 142 0.65 14.39 19.50
C SER A 142 -0.78 13.93 19.18
N VAL A 143 -0.96 12.63 19.35
CA VAL A 143 -2.22 11.93 19.27
C VAL A 143 -2.26 10.86 20.35
N GLN A 144 -3.43 10.37 20.62
CA GLN A 144 -3.66 9.35 21.58
C GLN A 144 -4.24 8.09 21.00
N PHE A 145 -3.77 6.98 21.50
CA PHE A 145 -4.24 5.71 21.09
C PHE A 145 -4.77 5.09 22.32
N SER A 146 -5.92 4.48 22.14
CA SER A 146 -6.69 3.34 23.15
CA SER A 146 -6.71 3.31 23.11
C SER A 146 -6.00 1.83 22.66
N THR A 147 -5.35 1.16 23.55
CA THR A 147 -4.74 -0.09 23.25
C THR A 147 -5.27 -1.19 24.12
N ASP A 148 -4.75 -2.39 23.89
CA ASP A 148 -5.14 -3.56 24.65
C ASP A 148 -4.11 -3.92 25.68
N THR A 149 -3.25 -2.99 26.02
CA THR A 149 -2.26 -3.19 27.04
C THR A 149 -2.11 -2.01 27.98
N GLU A 150 -1.72 -2.30 29.21
CA GLU A 150 -1.41 -1.26 30.15
C GLU A 150 0.04 -1.12 30.53
N ASN A 151 0.87 -2.06 30.11
CA ASN A 151 2.24 -2.00 30.48
C ASN A 151 3.29 -2.48 29.49
N ASP A 152 2.92 -3.02 28.34
CA ASP A 152 3.91 -3.56 27.45
C ASP A 152 4.81 -2.55 26.72
N PHE A 153 4.27 -1.42 26.27
CA PHE A 153 5.05 -0.48 25.48
C PHE A 153 6.12 0.25 26.29
N GLU A 154 7.29 0.37 25.71
CA GLU A 154 8.38 1.10 26.29
C GLU A 154 8.37 2.54 25.86
N THR A 155 8.97 3.37 26.68
CA THR A 155 9.18 4.72 26.35
C THR A 155 10.44 4.87 25.50
N HIS A 156 10.47 5.93 24.74
CA HIS A 156 11.61 6.34 23.97
C HIS A 156 12.16 5.32 23.04
N GLN A 157 11.22 4.60 22.45
CA GLN A 157 11.51 3.66 21.41
C GLN A 157 10.55 3.85 20.23
N ASN A 158 11.07 3.67 19.03
CA ASN A 158 10.30 3.93 17.83
C ASN A 158 9.05 3.03 17.78
N THR A 159 7.93 3.68 17.57
CA THR A 159 6.64 3.06 17.63
C THR A 159 5.83 3.48 16.37
N LYS A 160 5.17 2.50 15.75
CA LYS A 160 4.41 2.69 14.51
C LYS A 160 2.96 2.23 14.63
N PHE A 161 2.05 3.05 14.12
CA PHE A 161 0.66 2.65 13.95
C PHE A 161 0.41 2.32 12.48
N THR A 162 -0.07 1.11 12.29
CA THR A 162 -0.51 0.62 11.02
C THR A 162 -2.01 0.42 11.11
N PRO A 163 -2.69 1.17 10.20
CA PRO A 163 -4.15 1.14 10.14
C PRO A 163 -4.68 -0.11 9.42
N VAL A 164 -5.81 -0.59 9.90
CA VAL A 164 -6.49 -1.70 9.26
C VAL A 164 -7.94 -1.40 8.83
N GLY A 165 -8.69 -0.83 9.74
CA GLY A 165 -10.07 -0.52 9.50
C GLY A 165 -10.67 0.45 10.49
N VAL A 166 -11.99 0.43 10.56
CA VAL A 166 -12.75 1.37 11.35
C VAL A 166 -13.77 0.67 12.22
N ILE A 167 -14.16 1.39 13.26
CA ILE A 167 -15.14 0.95 14.21
C ILE A 167 -16.22 1.99 14.45
N GLN A 168 -17.32 1.46 14.95
CA GLN A 168 -18.45 2.23 15.43
C GLN A 168 -18.77 1.67 16.82
N ASP A 169 -18.83 2.56 17.77
CA ASP A 169 -18.88 2.20 19.18
C ASP A 169 -19.56 3.26 19.98
N GLY A 170 -19.51 3.04 21.28
CA GLY A 170 -20.09 3.95 22.24
C GLY A 170 -21.54 4.17 21.94
N SER A 171 -21.88 5.45 21.99
CA SER A 171 -23.21 6.04 21.80
C SER A 171 -23.88 5.91 20.44
N THR A 172 -23.08 5.96 19.39
CA THR A 172 -23.48 6.23 18.02
C THR A 172 -24.45 5.18 17.50
N THR A 173 -25.28 5.50 16.49
CA THR A 173 -26.25 4.58 15.84
C THR A 173 -25.79 4.12 14.44
N HIS A 174 -26.46 3.18 13.80
CA HIS A 174 -25.81 2.45 12.72
C HIS A 174 -25.39 3.35 11.60
N ARG A 175 -24.14 3.18 11.26
CA ARG A 175 -23.54 3.79 10.11
C ARG A 175 -23.44 5.28 10.21
N ASN A 176 -23.43 5.78 11.42
CA ASN A 176 -23.24 7.21 11.61
C ASN A 176 -21.83 7.65 11.93
N GLU A 177 -20.92 6.70 11.98
CA GLU A 177 -19.50 6.99 12.02
C GLU A 177 -18.84 5.83 11.33
N PRO A 178 -17.68 6.05 10.71
CA PRO A 178 -16.99 7.32 10.54
C PRO A 178 -17.73 8.29 9.63
N GLN A 179 -17.28 9.51 9.60
CA GLN A 179 -17.80 10.53 8.73
C GLN A 179 -16.70 11.05 7.80
N GLN A 180 -16.68 10.47 6.61
CA GLN A 180 -15.57 10.65 5.72
C GLN A 180 -15.36 12.06 5.21
N TRP A 181 -16.43 12.84 5.24
CA TRP A 181 -16.37 14.19 4.77
C TRP A 181 -16.20 15.25 5.86
N VAL A 182 -16.02 14.86 7.08
CA VAL A 182 -15.73 15.73 8.17
C VAL A 182 -14.26 15.67 8.53
N LEU A 183 -13.60 16.79 8.35
CA LEU A 183 -12.22 16.93 8.72
C LEU A 183 -12.02 16.98 10.20
N PRO A 184 -10.92 16.35 10.62
CA PRO A 184 -10.51 16.45 12.00
C PRO A 184 -10.06 17.89 12.28
N SER A 185 -10.06 18.25 13.55
CA SER A 185 -9.40 19.45 13.98
C SER A 185 -8.00 19.09 14.32
N TYR A 186 -7.13 19.35 13.38
CA TYR A 186 -5.77 18.88 13.46
C TYR A 186 -4.95 19.42 14.63
N SER A 187 -5.33 20.60 15.08
CA SER A 187 -4.71 21.21 16.22
C SER A 187 -5.63 21.24 17.44
N GLY A 188 -6.68 20.46 17.44
CA GLY A 188 -7.66 20.51 18.48
C GLY A 188 -8.83 21.40 18.19
N ARG A 189 -9.86 21.23 18.99
CA ARG A 189 -11.18 21.73 18.72
C ARG A 189 -11.29 23.27 18.61
N ASN A 190 -10.46 23.99 19.32
CA ASN A 190 -10.55 25.43 19.32
C ASN A 190 -9.65 26.18 18.36
N VAL A 191 -8.90 25.40 17.64
CA VAL A 191 -7.96 25.94 16.77
C VAL A 191 -8.33 25.71 15.25
N HIS A 192 -8.47 26.61 14.26
N HIS A 192 -8.45 26.61 14.25
CA HIS A 192 -8.85 26.33 12.95
CA HIS A 192 -8.80 26.36 12.94
C HIS A 192 -7.69 25.75 12.24
C HIS A 192 -7.68 25.69 12.30
N ASN A 193 -8.08 24.88 11.32
CA ASN A 193 -7.24 24.12 10.39
C ASN A 193 -6.62 25.08 9.43
N VAL A 194 -5.42 24.76 9.00
CA VAL A 194 -4.69 25.56 8.07
C VAL A 194 -4.07 24.85 6.90
N HIS A 195 -3.74 25.59 5.87
CA HIS A 195 -3.04 25.11 4.72
C HIS A 195 -3.75 23.99 4.00
N LEU A 196 -5.05 24.02 4.05
CA LEU A 196 -5.85 22.99 3.45
C LEU A 196 -5.86 23.01 1.96
N ALA A 197 -5.92 21.82 1.38
CA ALA A 197 -6.36 21.67 0.05
C ALA A 197 -7.82 22.12 0.03
N PRO A 198 -8.17 22.81 -1.06
CA PRO A 198 -9.49 23.44 -1.13
C PRO A 198 -10.62 22.47 -1.31
N ALA A 199 -11.80 22.87 -0.92
CA ALA A 199 -13.00 22.13 -1.21
C ALA A 199 -13.28 22.10 -2.68
N VAL A 200 -13.92 21.04 -3.12
CA VAL A 200 -14.21 20.81 -4.50
C VAL A 200 -15.70 20.61 -4.70
N ALA A 201 -16.14 21.07 -5.84
CA ALA A 201 -17.51 20.93 -6.30
C ALA A 201 -17.59 21.07 -7.80
N PRO A 202 -18.57 20.41 -8.40
CA PRO A 202 -18.83 20.66 -9.79
C PRO A 202 -19.39 22.04 -9.90
N THR A 203 -19.02 22.70 -10.96
CA THR A 203 -19.48 24.04 -11.22
C THR A 203 -20.38 24.11 -12.42
N PHE A 204 -20.96 22.99 -12.81
CA PHE A 204 -21.73 22.91 -14.00
C PHE A 204 -23.04 22.24 -13.66
N PRO A 205 -24.11 22.70 -14.31
CA PRO A 205 -25.42 22.12 -14.05
C PRO A 205 -25.47 20.68 -14.49
N GLY A 206 -26.03 19.82 -13.69
CA GLY A 206 -26.18 18.46 -14.10
C GLY A 206 -24.92 17.64 -13.94
N GLU A 207 -23.95 18.24 -13.26
CA GLU A 207 -22.68 17.58 -12.95
C GLU A 207 -22.52 17.26 -11.50
N GLN A 208 -21.80 16.16 -11.30
CA GLN A 208 -21.43 15.59 -10.03
C GLN A 208 -19.96 15.16 -10.06
N LEU A 209 -19.43 15.10 -8.87
CA LEU A 209 -18.12 14.55 -8.65
C LEU A 209 -18.19 13.09 -8.96
N LEU A 210 -17.12 12.61 -9.53
CA LEU A 210 -16.86 11.19 -9.67
C LEU A 210 -15.81 10.75 -8.66
N PHE A 211 -16.19 9.79 -7.87
CA PHE A 211 -15.40 9.30 -6.76
C PHE A 211 -14.85 7.88 -7.08
N PHE A 212 -13.63 7.70 -6.63
CA PHE A 212 -13.00 6.42 -6.61
C PHE A 212 -13.18 5.79 -5.25
N ARG A 213 -13.95 4.71 -5.21
CA ARG A 213 -14.53 4.16 -4.01
C ARG A 213 -13.98 2.79 -3.59
N SER A 214 -13.78 2.71 -2.28
CA SER A 214 -13.42 1.54 -1.56
C SER A 214 -14.34 1.30 -0.36
N THR A 215 -14.27 0.11 0.20
CA THR A 215 -14.91 -0.22 1.42
C THR A 215 -13.87 -0.55 2.47
N MET A 216 -13.81 0.26 3.49
CA MET A 216 -12.93 0.02 4.60
C MET A 216 -13.38 -1.18 5.42
N PRO A 217 -12.37 -1.99 5.85
CA PRO A 217 -12.69 -3.05 6.78
C PRO A 217 -13.26 -2.48 8.06
N GLY A 218 -14.21 -3.22 8.61
CA GLY A 218 -14.80 -2.89 9.88
C GLY A 218 -14.34 -3.82 10.95
N CYS A 219 -14.06 -3.32 12.11
CA CYS A 219 -13.48 -4.09 13.17
C CYS A 219 -14.34 -4.25 14.42
N SER A 220 -15.43 -3.51 14.45
CA SER A 220 -16.39 -3.53 15.53
C SER A 220 -17.60 -2.67 15.23
N GLY A 221 -18.75 -3.11 15.66
CA GLY A 221 -19.92 -2.31 15.47
C GLY A 221 -20.48 -2.30 14.07
N TYR A 222 -21.16 -1.20 13.76
CA TYR A 222 -21.88 -0.99 12.52
C TYR A 222 -21.44 0.33 11.86
N PRO A 223 -20.17 0.31 11.45
CA PRO A 223 -19.60 1.46 10.77
C PRO A 223 -20.02 1.67 9.34
N ASN A 224 -19.91 2.93 8.93
CA ASN A 224 -20.05 3.30 7.56
C ASN A 224 -18.67 3.10 6.94
N MET A 225 -18.56 2.13 6.07
CA MET A 225 -17.28 1.76 5.55
C MET A 225 -16.95 2.31 4.17
N ASP A 226 -17.84 3.11 3.61
CA ASP A 226 -17.58 3.75 2.34
C ASP A 226 -16.45 4.80 2.46
N LEU A 227 -15.54 4.75 1.51
CA LEU A 227 -14.48 5.70 1.41
C LEU A 227 -14.23 6.11 0.00
N ASP A 228 -14.42 7.39 -0.27
CA ASP A 228 -14.34 7.97 -1.55
C ASP A 228 -13.14 8.90 -1.67
N CYS A 229 -12.35 8.66 -2.68
CA CYS A 229 -11.23 9.56 -2.96
C CYS A 229 -11.37 10.22 -4.32
N LEU A 230 -10.69 11.34 -4.47
CA LEU A 230 -10.78 12.13 -5.68
C LEU A 230 -9.86 11.68 -6.79
N LEU A 231 -8.74 11.07 -6.38
CA LEU A 231 -7.75 10.53 -7.25
C LEU A 231 -7.17 9.26 -6.66
N PRO A 232 -6.97 8.28 -7.56
CA PRO A 232 -6.22 7.10 -7.13
C PRO A 232 -4.80 7.49 -6.75
N GLN A 233 -4.24 6.71 -5.82
CA GLN A 233 -2.87 6.98 -5.40
C GLN A 233 -1.87 6.85 -6.52
N GLU A 234 -2.15 5.95 -7.43
CA GLU A 234 -1.32 5.79 -8.59
C GLU A 234 -1.33 7.02 -9.50
N TRP A 235 -2.45 7.69 -9.51
CA TRP A 235 -2.55 8.92 -10.26
C TRP A 235 -1.70 10.05 -9.63
N VAL A 236 -1.71 10.10 -8.33
CA VAL A 236 -0.92 11.02 -7.60
C VAL A 236 0.56 10.79 -7.92
N GLN A 237 0.98 9.54 -7.88
CA GLN A 237 2.34 9.18 -8.17
C GLN A 237 2.67 9.51 -9.59
N HIS A 238 1.76 9.26 -10.49
CA HIS A 238 1.97 9.55 -11.91
C HIS A 238 2.13 11.01 -12.22
N PHE A 239 1.26 11.85 -11.71
CA PHE A 239 1.31 13.26 -11.98
C PHE A 239 2.60 13.85 -11.37
N TYR A 240 2.94 13.36 -10.20
CA TYR A 240 4.13 13.83 -9.52
C TYR A 240 5.34 13.58 -10.38
N GLN A 241 5.44 12.44 -10.98
CA GLN A 241 6.57 12.14 -11.80
C GLN A 241 6.58 12.87 -13.14
N GLU A 242 5.47 12.81 -13.81
CA GLU A 242 5.32 13.37 -15.14
C GLU A 242 5.40 14.89 -15.16
N ALA A 243 4.71 15.55 -14.26
CA ALA A 243 4.70 16.98 -14.14
C ALA A 243 4.37 17.66 -15.47
N ALA A 244 3.40 17.13 -16.17
CA ALA A 244 2.94 17.71 -17.40
C ALA A 244 2.10 18.92 -17.15
N PRO A 245 2.41 20.04 -17.82
CA PRO A 245 1.70 21.29 -17.61
C PRO A 245 0.25 21.25 -18.06
N ALA A 246 -0.61 21.86 -17.28
CA ALA A 246 -2.01 21.93 -17.60
C ALA A 246 -2.20 23.05 -18.61
N GLN A 247 -2.63 22.68 -19.77
CA GLN A 247 -2.88 23.64 -20.85
C GLN A 247 -4.22 24.38 -20.74
N SER A 248 -5.13 23.88 -19.92
CA SER A 248 -6.43 24.45 -19.69
C SER A 248 -6.90 24.01 -18.32
N ASP A 249 -8.00 24.51 -17.83
CA ASP A 249 -8.49 24.18 -16.52
C ASP A 249 -8.96 22.71 -16.43
N VAL A 250 -9.23 22.12 -17.56
CA VAL A 250 -9.88 20.84 -17.63
C VAL A 250 -9.34 19.91 -18.69
N ALA A 251 -8.99 18.71 -18.28
CA ALA A 251 -8.63 17.65 -19.16
C ALA A 251 -9.81 16.72 -19.39
N LEU A 252 -10.13 16.50 -20.64
CA LEU A 252 -11.22 15.63 -20.99
C LEU A 252 -10.74 14.20 -21.06
N LEU A 253 -11.31 13.36 -20.22
CA LEU A 253 -11.02 11.95 -20.25
C LEU A 253 -12.19 11.11 -20.79
N ARG A 254 -11.85 10.09 -21.53
CA ARG A 254 -12.76 9.08 -21.96
C ARG A 254 -12.48 7.76 -21.29
N PHE A 255 -13.51 7.14 -20.77
CA PHE A 255 -13.42 5.81 -20.23
C PHE A 255 -13.82 4.76 -21.28
N VAL A 256 -12.87 3.95 -21.66
CA VAL A 256 -12.91 3.03 -22.77
C VAL A 256 -13.04 1.59 -22.38
N ASN A 257 -13.88 0.86 -23.12
CA ASN A 257 -14.00 -0.55 -22.96
C ASN A 257 -13.34 -1.28 -24.09
N PRO A 258 -12.24 -1.94 -23.78
CA PRO A 258 -11.50 -2.70 -24.79
C PRO A 258 -12.24 -3.91 -25.31
N ASP A 259 -13.16 -4.48 -24.58
CA ASP A 259 -13.92 -5.63 -25.05
C ASP A 259 -14.87 -5.28 -26.19
N THR A 260 -15.18 -4.01 -26.35
CA THR A 260 -15.98 -3.57 -27.47
C THR A 260 -15.36 -2.48 -28.34
N GLY A 261 -14.35 -1.79 -27.83
CA GLY A 261 -13.73 -0.69 -28.52
C GLY A 261 -14.47 0.61 -28.39
N ARG A 262 -15.52 0.63 -27.58
CA ARG A 262 -16.33 1.80 -27.47
C ARG A 262 -16.07 2.55 -26.17
N VAL A 263 -16.27 3.84 -26.21
CA VAL A 263 -16.26 4.70 -25.06
C VAL A 263 -17.52 4.54 -24.23
N LEU A 264 -17.36 4.21 -22.98
CA LEU A 264 -18.46 4.18 -22.04
C LEU A 264 -19.02 5.51 -21.57
N PHE A 265 -18.14 6.40 -21.17
CA PHE A 265 -18.47 7.73 -20.73
C PHE A 265 -17.29 8.65 -20.83
N GLU A 266 -17.54 9.93 -20.69
CA GLU A 266 -16.51 10.92 -20.67
C GLU A 266 -16.66 11.71 -19.40
N CYS A 267 -15.56 12.30 -18.97
CA CYS A 267 -15.49 13.03 -17.74
C CYS A 267 -14.46 14.12 -17.76
N LYS A 268 -14.56 15.03 -16.83
CA LYS A 268 -13.63 16.11 -16.70
C LYS A 268 -12.66 15.86 -15.53
N LEU A 269 -11.39 15.83 -15.84
CA LEU A 269 -10.35 15.92 -14.85
C LEU A 269 -9.89 17.39 -14.72
N HIS A 270 -10.29 18.01 -13.66
CA HIS A 270 -9.93 19.37 -13.37
C HIS A 270 -8.47 19.44 -12.99
N LYS A 271 -7.81 20.52 -13.39
CA LYS A 271 -6.39 20.61 -13.18
C LYS A 271 -6.00 20.62 -11.73
N SER A 272 -6.89 20.99 -10.85
CA SER A 272 -6.60 21.05 -9.45
C SER A 272 -6.74 19.68 -8.78
N GLY A 273 -7.13 18.70 -9.55
CA GLY A 273 -7.16 17.33 -9.13
C GLY A 273 -8.41 16.66 -8.61
N TYR A 274 -9.42 16.66 -9.45
CA TYR A 274 -10.68 16.00 -9.18
C TYR A 274 -11.45 15.76 -10.47
N VAL A 275 -12.42 14.88 -10.46
CA VAL A 275 -13.15 14.46 -11.64
C VAL A 275 -14.63 14.73 -11.51
N THR A 276 -15.24 15.20 -12.58
CA THR A 276 -16.69 15.35 -12.62
C THR A 276 -17.31 14.67 -13.83
N VAL A 277 -18.58 14.31 -13.71
CA VAL A 277 -19.32 13.65 -14.74
C VAL A 277 -20.73 14.29 -14.83
N ALA A 278 -21.37 14.11 -15.96
CA ALA A 278 -22.74 14.55 -16.12
C ALA A 278 -23.76 13.50 -15.75
N HIS A 279 -24.23 13.60 -14.53
CA HIS A 279 -25.22 12.72 -13.97
C HIS A 279 -25.91 13.36 -12.81
N THR A 280 -27.17 13.01 -12.60
CA THR A 280 -27.88 13.45 -11.46
C THR A 280 -28.36 12.27 -10.68
N GLY A 281 -27.99 12.19 -9.44
CA GLY A 281 -28.37 11.10 -8.58
C GLY A 281 -27.23 10.20 -8.10
N GLN A 282 -27.49 9.38 -7.10
CA GLN A 282 -26.51 8.47 -6.62
C GLN A 282 -26.45 7.31 -7.54
N HIS A 283 -25.27 6.96 -8.00
CA HIS A 283 -25.10 5.86 -8.89
C HIS A 283 -23.76 5.16 -8.70
N ASP A 284 -23.81 3.87 -8.52
CA ASP A 284 -22.65 3.04 -8.56
C ASP A 284 -22.41 2.71 -10.03
N LEU A 285 -21.31 3.14 -10.60
CA LEU A 285 -21.04 2.85 -11.95
C LEU A 285 -20.76 1.39 -12.13
N VAL A 286 -21.25 0.89 -13.24
CA VAL A 286 -20.97 -0.45 -13.63
C VAL A 286 -20.00 -0.39 -14.78
N ILE A 287 -18.85 -0.97 -14.59
CA ILE A 287 -17.79 -0.88 -15.52
C ILE A 287 -17.18 -2.21 -15.76
N PRO A 288 -16.63 -2.38 -16.95
CA PRO A 288 -15.90 -3.59 -17.24
C PRO A 288 -14.56 -3.64 -16.56
N PRO A 289 -14.14 -4.81 -16.18
CA PRO A 289 -12.91 -4.93 -15.41
C PRO A 289 -11.71 -4.43 -16.14
N ASN A 290 -11.68 -4.50 -17.44
CA ASN A 290 -10.58 -3.99 -18.23
C ASN A 290 -10.72 -2.57 -18.75
N GLY A 291 -11.74 -1.88 -18.30
CA GLY A 291 -11.95 -0.52 -18.65
C GLY A 291 -10.85 0.40 -18.13
N TYR A 292 -10.54 1.42 -18.89
CA TYR A 292 -9.53 2.39 -18.53
C TYR A 292 -9.84 3.81 -18.96
N PHE A 293 -9.24 4.77 -18.26
CA PHE A 293 -9.27 6.18 -18.55
C PHE A 293 -8.19 6.55 -19.53
N ARG A 294 -8.55 7.40 -20.48
CA ARG A 294 -7.66 7.87 -21.52
C ARG A 294 -7.82 9.36 -21.70
N PHE A 295 -6.75 10.10 -21.64
CA PHE A 295 -6.81 11.53 -21.86
C PHE A 295 -6.92 11.77 -23.34
N ASP A 296 -7.90 12.55 -23.72
CA ASP A 296 -8.11 12.89 -25.11
C ASP A 296 -7.79 14.33 -25.47
N SER A 297 -8.25 15.31 -24.71
CA SER A 297 -7.96 16.69 -25.03
C SER A 297 -8.15 17.64 -23.87
N TRP A 298 -7.55 18.82 -23.96
CA TRP A 298 -7.80 19.91 -23.05
C TRP A 298 -9.05 20.73 -23.42
N VAL A 299 -9.94 20.95 -22.48
CA VAL A 299 -11.13 21.80 -22.64
C VAL A 299 -11.25 22.78 -21.50
N ASN A 300 -12.46 23.18 -21.11
CA ASN A 300 -12.60 24.11 -20.01
C ASN A 300 -13.83 23.92 -19.13
N GLN A 301 -13.96 24.79 -18.17
CA GLN A 301 -14.99 24.64 -17.20
C GLN A 301 -16.36 24.77 -17.89
N PHE A 302 -16.36 25.36 -19.06
CA PHE A 302 -17.62 25.56 -19.79
C PHE A 302 -18.04 24.40 -20.73
N TYR A 303 -17.21 23.40 -20.89
CA TYR A 303 -17.49 22.28 -21.75
C TYR A 303 -18.62 21.44 -21.26
N THR A 304 -19.51 21.11 -22.17
CA THR A 304 -20.66 20.36 -21.83
C THR A 304 -20.42 18.89 -22.14
N LEU A 305 -20.42 18.07 -21.10
CA LEU A 305 -20.22 16.66 -21.28
C LEU A 305 -21.44 15.95 -21.79
N ALA A 306 -21.22 14.88 -22.49
CA ALA A 306 -22.24 13.90 -22.73
C ALA A 306 -22.67 13.24 -21.46
N PRO A 307 -23.97 13.12 -21.26
CA PRO A 307 -24.49 12.48 -20.08
C PRO A 307 -23.94 11.10 -19.88
N MET A 308 -23.60 10.81 -18.65
CA MET A 308 -22.95 9.57 -18.30
C MET A 308 -23.85 8.42 -18.61
N GLY B 1 12.48 -0.14 -33.79
CA GLY B 1 11.05 -0.02 -33.69
C GLY B 1 10.45 -0.46 -32.38
N SER B 2 11.26 -0.46 -31.32
CA SER B 2 10.82 -0.85 -30.00
C SER B 2 10.48 0.40 -29.19
N LYS B 3 9.40 0.35 -28.46
CA LYS B 3 9.10 1.43 -27.52
C LYS B 3 10.19 1.55 -26.45
N PRO B 4 10.61 2.75 -26.18
CA PRO B 4 11.74 2.99 -25.30
C PRO B 4 11.44 2.64 -23.88
N PHE B 5 12.38 1.93 -23.33
CA PHE B 5 12.32 1.48 -21.96
C PHE B 5 12.67 2.60 -20.98
N THR B 6 11.98 2.63 -19.84
CA THR B 6 12.23 3.59 -18.79
C THR B 6 11.96 2.96 -17.44
N VAL B 7 12.53 3.54 -16.41
CA VAL B 7 12.20 3.22 -15.06
C VAL B 7 11.69 4.50 -14.43
N PRO B 8 10.90 4.34 -13.37
CA PRO B 8 10.33 5.47 -12.67
C PRO B 8 11.39 6.36 -12.07
N ILE B 9 11.06 7.62 -11.92
CA ILE B 9 11.94 8.57 -11.31
C ILE B 9 11.75 8.78 -9.83
N LEU B 10 10.87 8.01 -9.25
CA LEU B 10 10.66 8.03 -7.83
C LEU B 10 11.95 7.61 -7.14
N THR B 11 12.21 8.21 -6.01
CA THR B 11 13.35 7.86 -5.22
C THR B 11 13.04 6.63 -4.41
N VAL B 12 14.06 6.04 -3.85
CA VAL B 12 13.90 4.82 -3.13
C VAL B 12 12.91 5.00 -1.99
N GLU B 13 13.04 6.09 -1.27
CA GLU B 13 12.21 6.31 -0.15
C GLU B 13 10.76 6.69 -0.53
N GLU B 14 10.54 6.95 -1.79
CA GLU B 14 9.23 7.25 -2.32
C GLU B 14 8.54 5.99 -2.88
N MET B 15 9.13 4.84 -2.69
CA MET B 15 8.63 3.59 -3.26
C MET B 15 8.36 2.54 -2.19
N THR B 16 7.66 1.49 -2.62
CA THR B 16 7.09 0.46 -1.80
C THR B 16 7.73 -0.94 -2.04
N ASN B 17 7.93 -1.67 -0.98
CA ASN B 17 8.38 -3.03 -1.07
C ASN B 17 7.33 -3.85 -1.77
N SER B 18 7.78 -4.74 -2.61
CA SER B 18 6.92 -5.60 -3.37
C SER B 18 6.63 -6.94 -2.71
N ARG B 19 7.20 -7.17 -1.55
CA ARG B 19 7.04 -8.42 -0.81
C ARG B 19 6.28 -8.30 0.53
N PHE B 20 6.05 -7.07 0.90
CA PHE B 20 5.28 -6.71 2.07
C PHE B 20 4.86 -5.22 1.94
N PRO B 21 3.66 -4.88 2.47
CA PRO B 21 3.12 -3.54 2.25
C PRO B 21 3.68 -2.50 3.19
N ILE B 22 4.94 -2.25 2.95
CA ILE B 22 5.70 -1.27 3.67
C ILE B 22 6.64 -0.55 2.69
N PRO B 23 6.99 0.70 3.11
CA PRO B 23 7.91 1.53 2.32
C PRO B 23 9.31 0.95 2.21
N LEU B 24 9.95 1.23 1.09
CA LEU B 24 11.37 1.04 1.00
C LEU B 24 12.14 2.02 1.87
N GLU B 25 13.23 1.52 2.41
CA GLU B 25 14.11 2.31 3.25
C GLU B 25 15.50 2.58 2.66
N LYS B 26 16.05 1.58 2.01
CA LYS B 26 17.43 1.60 1.58
C LYS B 26 17.72 0.58 0.52
N LEU B 27 18.89 0.69 -0.08
CA LEU B 27 19.42 -0.30 -0.97
C LEU B 27 20.50 -1.07 -0.21
N PHE B 28 20.52 -2.35 -0.46
CA PHE B 28 21.46 -3.27 0.15
C PHE B 28 22.01 -4.27 -0.86
N THR B 29 23.30 -4.56 -0.73
CA THR B 29 23.94 -5.60 -1.52
C THR B 29 24.72 -6.55 -0.63
N GLY B 30 24.67 -7.80 -0.98
CA GLY B 30 25.38 -8.83 -0.27
C GLY B 30 25.50 -10.08 -1.10
N PRO B 31 26.41 -10.97 -0.68
CA PRO B 31 26.55 -12.23 -1.39
C PRO B 31 25.37 -13.12 -1.17
N SER B 32 25.01 -13.86 -2.19
CA SER B 32 23.95 -14.84 -2.09
C SER B 32 24.23 -16.12 -2.80
N GLY B 33 25.51 -16.43 -2.90
CA GLY B 33 25.99 -17.66 -3.52
C GLY B 33 25.60 -18.91 -2.79
N ALA B 34 25.45 -18.80 -1.49
CA ALA B 34 25.26 -19.93 -0.64
C ALA B 34 23.83 -20.45 -0.53
N PHE B 35 22.92 -19.72 -1.13
CA PHE B 35 21.52 -20.05 -0.99
C PHE B 35 20.71 -19.58 -2.16
N VAL B 36 19.50 -20.09 -2.27
CA VAL B 36 18.66 -19.78 -3.40
C VAL B 36 17.78 -18.51 -3.16
N VAL B 37 17.88 -17.55 -4.06
CA VAL B 37 17.05 -16.36 -4.01
C VAL B 37 15.91 -16.49 -5.03
N GLN B 38 14.75 -16.86 -4.52
CA GLN B 38 13.59 -17.19 -5.34
C GLN B 38 12.24 -16.64 -4.84
N PRO B 39 12.23 -15.32 -4.59
CA PRO B 39 10.96 -14.73 -4.17
C PRO B 39 9.94 -14.76 -5.27
N GLN B 40 8.67 -14.80 -4.87
CA GLN B 40 7.57 -14.93 -5.78
C GLN B 40 6.71 -13.67 -5.90
N ASN B 41 6.81 -12.79 -4.93
CA ASN B 41 6.26 -11.46 -5.04
C ASN B 41 7.39 -10.51 -5.48
N GLY B 42 6.98 -9.47 -6.13
CA GLY B 42 7.86 -8.55 -6.76
C GLY B 42 8.65 -9.09 -7.90
N ARG B 43 7.98 -9.91 -8.69
CA ARG B 43 8.56 -10.52 -9.86
C ARG B 43 7.81 -10.14 -11.12
N CYS B 44 8.54 -9.48 -11.99
CA CYS B 44 8.04 -8.95 -13.22
C CYS B 44 9.20 -8.74 -14.20
N THR B 45 8.96 -9.07 -15.45
CA THR B 45 9.91 -8.81 -16.47
C THR B 45 9.88 -7.34 -16.85
N THR B 46 10.94 -6.86 -17.45
CA THR B 46 11.04 -5.50 -17.80
C THR B 46 10.00 -5.10 -18.85
N ASP B 47 9.51 -6.07 -19.58
CA ASP B 47 8.48 -5.83 -20.55
C ASP B 47 7.07 -6.08 -20.01
N GLY B 48 6.95 -6.27 -18.72
CA GLY B 48 5.66 -6.22 -18.09
C GLY B 48 4.92 -7.48 -17.83
N VAL B 49 5.60 -8.59 -17.82
CA VAL B 49 4.99 -9.86 -17.54
C VAL B 49 5.19 -10.19 -16.08
N LEU B 50 4.09 -10.29 -15.39
CA LEU B 50 4.09 -10.64 -14.00
C LEU B 50 4.42 -12.10 -13.82
N LEU B 51 5.23 -12.40 -12.84
CA LEU B 51 5.64 -13.74 -12.54
C LEU B 51 5.32 -14.17 -11.10
N GLY B 52 5.42 -15.45 -10.86
CA GLY B 52 5.14 -15.99 -9.58
C GLY B 52 3.76 -15.74 -9.07
N THR B 53 3.68 -15.19 -7.87
CA THR B 53 2.46 -14.80 -7.24
C THR B 53 2.24 -13.27 -7.32
N THR B 54 2.97 -12.63 -8.16
CA THR B 54 2.94 -11.17 -8.24
C THR B 54 1.65 -10.61 -8.85
N GLN B 55 1.12 -9.62 -8.15
CA GLN B 55 -0.02 -8.83 -8.55
C GLN B 55 0.30 -7.35 -8.36
N LEU B 56 -0.60 -6.51 -8.81
CA LEU B 56 -0.30 -5.12 -9.00
C LEU B 56 -0.49 -4.20 -7.80
N SER B 57 -1.23 -4.65 -6.82
CA SER B 57 -1.53 -3.82 -5.66
C SER B 57 -0.51 -3.93 -4.55
N PRO B 58 0.00 -2.77 -4.14
CA PRO B 58 0.88 -2.70 -2.99
C PRO B 58 0.24 -3.11 -1.70
N VAL B 59 -1.06 -2.99 -1.59
CA VAL B 59 -1.72 -3.25 -0.35
C VAL B 59 -2.36 -4.64 -0.26
N ASN B 60 -2.33 -5.39 -1.34
CA ASN B 60 -2.83 -6.76 -1.32
C ASN B 60 -1.72 -7.81 -1.00
N ILE B 61 -0.52 -7.33 -0.87
CA ILE B 61 0.58 -8.19 -0.61
C ILE B 61 0.51 -8.77 0.81
N CYS B 62 0.58 -10.08 0.90
CA CYS B 62 0.44 -10.80 2.14
C CYS B 62 -0.93 -10.74 2.79
N THR B 63 -1.92 -10.40 1.99
CA THR B 63 -3.31 -10.48 2.41
C THR B 63 -3.91 -11.84 2.06
N PHE B 64 -4.98 -12.15 2.74
CA PHE B 64 -5.83 -13.31 2.43
C PHE B 64 -7.29 -12.88 2.57
N ARG B 65 -8.13 -13.51 1.79
CA ARG B 65 -9.55 -13.25 1.80
C ARG B 65 -10.32 -14.59 1.67
N GLY B 66 -11.46 -14.67 2.30
CA GLY B 66 -12.22 -15.89 2.28
C GLY B 66 -13.30 -15.90 3.33
N ASP B 67 -13.64 -17.08 3.77
CA ASP B 67 -14.52 -17.26 4.91
C ASP B 67 -13.87 -18.26 5.84
N VAL B 68 -14.26 -18.23 7.09
CA VAL B 68 -13.59 -18.94 8.12
C VAL B 68 -14.45 -19.93 8.90
N THR B 69 -13.79 -20.96 9.41
CA THR B 69 -14.37 -21.97 10.26
C THR B 69 -13.54 -22.16 11.49
N HIS B 70 -14.19 -22.17 12.64
CA HIS B 70 -13.53 -22.33 13.91
C HIS B 70 -13.06 -23.73 14.16
N ILE B 71 -11.91 -23.84 14.77
CA ILE B 71 -11.40 -25.12 15.21
C ILE B 71 -11.62 -25.25 16.70
N ALA B 72 -12.39 -26.26 17.04
CA ALA B 72 -12.83 -26.41 18.41
C ALA B 72 -11.71 -26.64 19.37
N GLY B 73 -11.85 -26.06 20.55
CA GLY B 73 -10.81 -26.15 21.55
C GLY B 73 -9.61 -25.26 21.37
N SER B 74 -9.77 -24.23 20.56
CA SER B 74 -8.68 -23.36 20.22
C SER B 74 -9.19 -22.02 19.83
N ARG B 75 -8.26 -21.15 19.56
CA ARG B 75 -8.53 -19.87 18.98
C ARG B 75 -8.17 -19.85 17.50
N ASN B 76 -8.13 -21.00 16.90
CA ASN B 76 -7.70 -21.14 15.53
C ASN B 76 -8.85 -21.21 14.58
N TYR B 77 -8.68 -20.59 13.43
CA TYR B 77 -9.67 -20.61 12.37
C TYR B 77 -9.05 -21.02 11.03
N THR B 78 -9.77 -21.85 10.28
CA THR B 78 -9.39 -22.19 8.97
C THR B 78 -10.07 -21.25 8.01
N MET B 79 -9.30 -20.62 7.14
CA MET B 79 -9.85 -19.82 6.08
C MET B 79 -9.85 -20.56 4.75
N ASN B 80 -11.03 -20.68 4.23
CA ASN B 80 -11.24 -21.17 2.90
C ASN B 80 -11.16 -19.98 1.97
N LEU B 81 -10.12 -19.99 1.17
CA LEU B 81 -9.75 -18.86 0.36
C LEU B 81 -10.66 -18.56 -0.80
N ALA B 82 -10.89 -17.29 -0.98
CA ALA B 82 -11.44 -16.71 -2.14
C ALA B 82 -10.36 -16.07 -2.99
N SER B 83 -10.75 -15.66 -4.18
CA SER B 83 -9.89 -14.93 -5.08
C SER B 83 -9.71 -13.51 -4.59
N LEU B 84 -8.77 -12.81 -5.21
CA LEU B 84 -8.53 -11.46 -4.80
C LEU B 84 -9.78 -10.66 -4.92
N ASN B 85 -10.62 -11.10 -5.83
CA ASN B 85 -11.85 -10.42 -6.21
C ASN B 85 -13.09 -10.95 -5.52
N TRP B 86 -12.87 -11.85 -4.58
CA TRP B 86 -13.89 -12.43 -3.72
C TRP B 86 -14.78 -13.45 -4.40
N ASN B 87 -14.30 -13.95 -5.51
CA ASN B 87 -14.91 -15.07 -6.19
C ASN B 87 -14.32 -16.39 -5.75
N ASN B 88 -14.85 -17.49 -6.22
CA ASN B 88 -14.33 -18.76 -5.86
C ASN B 88 -12.87 -18.87 -6.33
N TYR B 89 -12.07 -19.54 -5.54
CA TYR B 89 -10.67 -19.73 -5.84
C TYR B 89 -10.47 -20.92 -6.77
N ASP B 90 -9.65 -20.74 -7.78
CA ASP B 90 -9.28 -21.81 -8.68
C ASP B 90 -7.90 -22.33 -8.51
N PRO B 91 -7.79 -23.52 -7.96
CA PRO B 91 -6.49 -24.13 -7.73
C PRO B 91 -5.74 -24.59 -8.97
N THR B 92 -6.41 -24.58 -10.10
CA THR B 92 -5.79 -25.05 -11.30
C THR B 92 -5.12 -23.97 -12.12
N GLU B 93 -5.23 -22.73 -11.71
CA GLU B 93 -4.50 -21.67 -12.35
C GLU B 93 -3.02 -21.92 -12.26
N GLU B 94 -2.30 -21.55 -13.30
CA GLU B 94 -0.91 -21.84 -13.42
C GLU B 94 -0.06 -20.81 -12.68
N ILE B 95 -0.29 -20.80 -11.39
CA ILE B 95 0.44 -20.00 -10.45
C ILE B 95 0.77 -20.84 -9.25
N PRO B 96 1.79 -20.41 -8.50
CA PRO B 96 2.23 -21.17 -7.33
C PRO B 96 1.22 -21.24 -6.18
N ALA B 97 0.47 -20.19 -6.09
CA ALA B 97 -0.46 -19.93 -5.04
C ALA B 97 -1.30 -18.71 -5.43
N PRO B 98 -2.32 -18.41 -4.63
CA PRO B 98 -3.10 -17.22 -4.91
C PRO B 98 -2.21 -15.98 -4.93
N LEU B 99 -2.54 -15.07 -5.81
CA LEU B 99 -1.74 -13.89 -5.99
C LEU B 99 -1.67 -13.13 -4.69
N GLY B 100 -0.47 -12.68 -4.38
CA GLY B 100 -0.21 -11.96 -3.16
C GLY B 100 0.10 -12.76 -1.92
N THR B 101 0.06 -14.07 -2.06
CA THR B 101 0.37 -14.95 -1.00
C THR B 101 1.80 -14.66 -0.55
N PRO B 102 2.00 -14.72 0.76
CA PRO B 102 3.35 -14.53 1.26
C PRO B 102 4.34 -15.53 0.64
N ASP B 103 5.54 -15.05 0.37
CA ASP B 103 6.57 -15.83 -0.28
C ASP B 103 7.75 -16.16 0.66
N PHE B 104 7.51 -16.19 1.94
CA PHE B 104 8.54 -16.51 2.90
C PHE B 104 7.95 -17.25 4.05
N VAL B 105 8.80 -18.00 4.74
CA VAL B 105 8.44 -18.70 5.92
C VAL B 105 8.60 -17.83 7.16
N GLY B 106 7.49 -17.58 7.80
CA GLY B 106 7.42 -16.72 8.93
C GLY B 106 6.06 -16.71 9.59
N LYS B 107 6.02 -16.07 10.74
CA LYS B 107 4.81 -15.84 11.47
C LYS B 107 4.39 -14.38 11.31
N ILE B 108 3.38 -14.22 10.46
CA ILE B 108 2.88 -12.92 10.07
C ILE B 108 1.64 -12.61 10.86
N GLN B 109 1.72 -11.49 11.52
CA GLN B 109 0.66 -11.02 12.38
C GLN B 109 0.00 -9.77 11.79
N GLY B 110 -1.29 -9.74 12.01
CA GLY B 110 -2.15 -8.68 11.53
C GLY B 110 -3.50 -8.70 12.21
N LEU B 111 -4.48 -8.20 11.47
CA LEU B 111 -5.85 -8.30 11.89
C LEU B 111 -6.68 -9.07 10.88
N LEU B 112 -7.53 -9.91 11.44
CA LEU B 112 -8.59 -10.56 10.72
C LEU B 112 -9.89 -9.81 10.98
N THR B 113 -10.53 -9.39 9.90
CA THR B 113 -11.73 -8.56 9.96
C THR B 113 -12.84 -9.19 9.17
N GLN B 114 -14.06 -8.91 9.58
CA GLN B 114 -15.24 -9.51 8.99
C GLN B 114 -16.44 -8.62 9.08
N THR B 115 -17.24 -8.69 8.05
CA THR B 115 -18.50 -8.02 7.97
C THR B 115 -19.62 -9.02 7.66
N THR B 116 -20.71 -8.92 8.41
CA THR B 116 -21.91 -9.69 8.17
C THR B 116 -22.78 -8.97 7.15
N LYS B 117 -23.07 -9.63 6.06
CA LYS B 117 -23.73 -9.00 4.94
C LYS B 117 -25.09 -8.45 5.29
N GLY B 118 -25.87 -9.19 6.04
CA GLY B 118 -27.22 -8.79 6.33
C GLY B 118 -27.44 -7.53 7.07
N ASP B 119 -26.67 -7.28 8.10
CA ASP B 119 -26.82 -6.09 8.89
C ASP B 119 -25.63 -5.12 8.99
N GLY B 120 -24.54 -5.48 8.36
CA GLY B 120 -23.39 -4.61 8.35
C GLY B 120 -22.64 -4.56 9.65
N SER B 121 -22.87 -5.54 10.50
CA SER B 121 -22.12 -5.74 11.72
C SER B 121 -20.70 -6.23 11.38
N THR B 122 -19.76 -5.83 12.20
CA THR B 122 -18.35 -6.05 11.92
C THR B 122 -17.58 -6.48 13.15
N ARG B 123 -16.46 -7.12 12.92
CA ARG B 123 -15.58 -7.59 13.95
C ARG B 123 -14.13 -7.79 13.42
N GLY B 124 -13.20 -7.52 14.30
CA GLY B 124 -11.80 -7.66 14.02
C GLY B 124 -10.99 -8.12 15.19
N HIS B 125 -10.03 -8.97 14.93
CA HIS B 125 -9.23 -9.55 15.95
C HIS B 125 -7.81 -9.77 15.47
N LYS B 126 -6.87 -9.68 16.41
CA LYS B 126 -5.48 -9.97 16.11
C LYS B 126 -5.35 -11.42 15.70
N ALA B 127 -4.55 -11.63 14.68
CA ALA B 127 -4.38 -12.91 14.09
C ALA B 127 -3.01 -13.09 13.50
N THR B 128 -2.56 -14.33 13.53
CA THR B 128 -1.28 -14.76 12.99
C THR B 128 -1.39 -15.96 12.08
N VAL B 129 -0.67 -15.91 11.00
CA VAL B 129 -0.52 -17.03 10.10
C VAL B 129 0.95 -17.46 10.07
N TYR B 130 1.17 -18.75 10.30
CA TYR B 130 2.47 -19.37 10.17
C TYR B 130 2.60 -20.06 8.83
N THR B 131 3.37 -19.46 7.97
CA THR B 131 3.48 -19.88 6.62
C THR B 131 4.35 -21.14 6.44
N GLY B 132 4.99 -21.51 7.53
CA GLY B 132 5.77 -22.75 7.57
C GLY B 132 5.03 -23.89 8.17
N SER B 133 3.82 -23.68 8.62
CA SER B 133 2.98 -24.68 9.23
C SER B 133 2.33 -25.69 8.26
N ALA B 134 2.01 -26.87 8.78
CA ALA B 134 1.45 -27.91 7.96
C ALA B 134 0.14 -27.52 7.33
N PRO B 135 -0.66 -26.75 8.06
CA PRO B 135 -1.94 -26.27 7.55
C PRO B 135 -1.88 -25.09 6.56
N PHE B 136 -0.68 -24.61 6.28
CA PHE B 136 -0.50 -23.57 5.29
C PHE B 136 -0.46 -24.18 3.91
N THR B 137 -1.63 -24.24 3.32
CA THR B 137 -1.84 -24.82 2.01
C THR B 137 -2.68 -23.96 1.08
N PRO B 138 -2.16 -22.74 0.89
CA PRO B 138 -2.91 -21.77 0.11
C PRO B 138 -3.21 -22.20 -1.32
N LYS B 139 -2.29 -22.92 -1.91
CA LYS B 139 -2.49 -23.40 -3.27
C LYS B 139 -3.67 -24.38 -3.31
N LEU B 140 -3.87 -25.09 -2.24
CA LEU B 140 -4.99 -26.01 -2.13
C LEU B 140 -6.24 -25.32 -1.65
N GLY B 141 -6.14 -24.03 -1.35
CA GLY B 141 -7.29 -23.25 -0.96
C GLY B 141 -7.60 -22.96 0.50
N SER B 142 -6.69 -23.29 1.39
CA SER B 142 -6.91 -23.07 2.77
C SER B 142 -5.61 -22.78 3.52
N VAL B 143 -5.75 -21.94 4.54
CA VAL B 143 -4.74 -21.59 5.50
C VAL B 143 -5.38 -21.46 6.86
N GLN B 144 -4.56 -21.47 7.88
CA GLN B 144 -5.00 -21.37 9.22
C GLN B 144 -4.45 -20.14 9.93
N PHE B 145 -5.30 -19.55 10.73
CA PHE B 145 -4.93 -18.41 11.49
C PHE B 145 -5.13 -18.81 12.90
N SER B 146 -4.16 -18.45 13.69
CA SER B 146 -4.16 -18.37 15.39
CA SER B 146 -4.12 -18.32 15.40
C SER B 146 -4.80 -16.80 15.74
N THR B 147 -5.89 -16.74 16.43
CA THR B 147 -6.51 -15.49 16.75
C THR B 147 -6.65 -15.33 18.24
N ASP B 148 -7.20 -14.19 18.61
CA ASP B 148 -7.42 -13.84 20.01
C ASP B 148 -8.85 -14.03 20.42
N THR B 149 -9.59 -14.80 19.64
CA THR B 149 -10.96 -15.11 19.96
C THR B 149 -11.31 -16.56 19.72
N GLU B 150 -12.25 -17.06 20.50
CA GLU B 150 -12.77 -18.40 20.30
C GLU B 150 -14.17 -18.48 19.77
N ASN B 151 -14.87 -17.36 19.72
CA ASN B 151 -16.22 -17.39 19.28
C ASN B 151 -16.79 -16.21 18.48
N ASP B 152 -16.04 -15.15 18.29
CA ASP B 152 -16.59 -13.99 17.62
C ASP B 152 -16.84 -14.14 16.11
N PHE B 153 -15.96 -14.81 15.35
CA PHE B 153 -16.12 -14.88 13.93
C PHE B 153 -17.30 -15.75 13.48
N GLU B 154 -18.02 -15.26 12.50
CA GLU B 154 -19.11 -15.98 11.91
C GLU B 154 -18.65 -16.80 10.73
N THR B 155 -19.40 -17.84 10.45
CA THR B 155 -19.20 -18.61 9.27
C THR B 155 -19.88 -17.96 8.08
N HIS B 156 -19.37 -18.26 6.92
CA HIS B 156 -19.94 -17.88 5.64
C HIS B 156 -20.18 -16.43 5.47
N GLN B 157 -19.22 -15.68 5.98
CA GLN B 157 -19.17 -14.26 5.80
C GLN B 157 -17.75 -13.83 5.38
N ASN B 158 -17.69 -12.85 4.50
CA ASN B 158 -16.42 -12.41 3.95
C ASN B 158 -15.47 -11.93 5.06
N THR B 159 -14.28 -12.49 5.03
CA THR B 159 -13.29 -12.28 6.05
C THR B 159 -11.95 -11.94 5.38
N LYS B 160 -11.26 -10.93 5.91
CA LYS B 160 -9.99 -10.43 5.35
C LYS B 160 -8.87 -10.42 6.38
N PHE B 161 -7.69 -10.88 5.96
CA PHE B 161 -6.48 -10.71 6.74
C PHE B 161 -5.65 -9.57 6.15
N THR B 162 -5.35 -8.63 7.01
CA THR B 162 -4.49 -7.53 6.73
C THR B 162 -3.24 -7.71 7.60
N PRO B 163 -2.11 -7.82 6.85
CA PRO B 163 -0.81 -8.02 7.51
C PRO B 163 -0.23 -6.71 8.09
N VAL B 164 0.44 -6.85 9.21
CA VAL B 164 1.13 -5.73 9.84
C VAL B 164 2.64 -5.95 10.05
N GLY B 165 2.97 -7.09 10.59
CA GLY B 165 4.35 -7.42 10.85
C GLY B 165 4.59 -8.87 11.14
N VAL B 166 5.71 -9.14 11.80
CA VAL B 166 6.16 -10.47 12.04
C VAL B 166 6.53 -10.69 13.49
N ILE B 167 6.51 -11.96 13.87
CA ILE B 167 6.88 -12.41 15.17
C ILE B 167 7.89 -13.53 15.17
N GLN B 168 8.52 -13.66 16.31
CA GLN B 168 9.43 -14.73 16.66
C GLN B 168 8.98 -15.25 18.02
N ASP B 169 8.77 -16.54 18.08
CA ASP B 169 8.09 -17.17 19.20
C ASP B 169 8.51 -18.60 19.35
N GLY B 170 7.84 -19.27 20.28
CA GLY B 170 8.06 -20.67 20.50
C GLY B 170 9.49 -20.99 20.78
N SER B 171 9.96 -21.95 20.00
CA SER B 171 11.25 -22.62 20.03
C SER B 171 12.45 -21.74 19.79
N THR B 172 12.30 -20.88 18.79
CA THR B 172 13.34 -20.25 18.00
C THR B 172 14.23 -19.33 18.82
N THR B 173 15.48 -19.09 18.37
CA THR B 173 16.48 -18.15 18.98
C THR B 173 16.60 -16.84 18.20
N HIS B 174 17.32 -15.83 18.69
CA HIS B 174 17.12 -14.48 18.18
C HIS B 174 17.43 -14.38 16.72
N ARG B 175 16.46 -13.80 16.04
CA ARG B 175 16.57 -13.45 14.67
C ARG B 175 16.71 -14.61 13.73
N ASN B 176 16.24 -15.76 14.18
CA ASN B 176 16.23 -16.93 13.29
C ASN B 176 14.94 -17.19 12.58
N GLU B 177 13.96 -16.36 12.80
CA GLU B 177 12.76 -16.34 11.99
C GLU B 177 12.28 -14.92 11.98
N PRO B 178 11.59 -14.48 10.93
CA PRO B 178 11.29 -15.21 9.72
C PRO B 178 12.53 -15.50 8.86
N GLN B 179 12.36 -16.33 7.86
CA GLN B 179 13.39 -16.62 6.91
C GLN B 179 12.96 -16.24 5.50
N GLN B 180 13.36 -15.05 5.12
CA GLN B 180 12.85 -14.40 3.93
C GLN B 180 13.16 -15.11 2.64
N TRP B 181 14.21 -15.91 2.65
CA TRP B 181 14.62 -16.63 1.47
C TRP B 181 14.16 -18.09 1.40
N VAL B 182 13.37 -18.53 2.34
CA VAL B 182 12.78 -19.82 2.33
C VAL B 182 11.32 -19.75 1.92
N LEU B 183 11.03 -20.34 0.81
CA LEU B 183 9.68 -20.46 0.32
C LEU B 183 8.85 -21.39 1.13
N PRO B 184 7.59 -20.99 1.29
CA PRO B 184 6.61 -21.85 1.88
C PRO B 184 6.35 -23.03 0.94
N SER B 185 5.83 -24.12 1.49
CA SER B 185 5.28 -25.17 0.71
C SER B 185 3.83 -24.87 0.51
N TYR B 186 3.54 -24.31 -0.64
CA TYR B 186 2.23 -23.76 -0.91
C TYR B 186 1.09 -24.78 -0.90
N SER B 187 1.42 -26.02 -1.19
CA SER B 187 0.48 -27.10 -1.13
C SER B 187 0.72 -28.05 0.03
N GLY B 188 1.50 -27.64 1.01
CA GLY B 188 1.89 -28.51 2.08
C GLY B 188 3.19 -29.21 1.85
N ARG B 189 3.69 -29.77 2.92
CA ARG B 189 5.05 -30.21 3.05
C ARG B 189 5.48 -31.31 2.06
N ASN B 190 4.56 -32.15 1.66
CA ASN B 190 4.88 -33.26 0.80
C ASN B 190 4.69 -33.06 -0.69
N VAL B 191 4.22 -31.88 -1.00
CA VAL B 191 3.90 -31.58 -2.30
C VAL B 191 4.87 -30.51 -2.94
N HIS B 192 5.60 -30.58 -4.08
N HIS B 192 5.59 -30.58 -4.09
CA HIS B 192 6.48 -29.62 -4.53
CA HIS B 192 6.45 -29.62 -4.58
C HIS B 192 5.70 -28.52 -5.14
C HIS B 192 5.64 -28.51 -5.08
N ASN B 193 6.30 -27.35 -4.99
CA ASN B 193 5.87 -26.04 -5.46
C ASN B 193 5.93 -26.04 -6.96
N VAL B 194 5.02 -25.32 -7.57
CA VAL B 194 4.94 -25.22 -8.99
C VAL B 194 4.81 -23.81 -9.55
N HIS B 195 5.12 -23.67 -10.82
CA HIS B 195 4.95 -22.45 -11.56
C HIS B 195 5.71 -21.27 -10.98
N LEU B 196 6.83 -21.57 -10.37
CA LEU B 196 7.62 -20.54 -9.74
C LEU B 196 8.32 -19.62 -10.68
N ALA B 197 8.40 -18.37 -10.26
CA ALA B 197 9.38 -17.49 -10.78
C ALA B 197 10.74 -18.07 -10.41
N PRO B 198 11.67 -17.97 -11.36
CA PRO B 198 12.95 -18.64 -11.20
C PRO B 198 13.86 -18.00 -10.19
N ALA B 199 14.79 -18.75 -9.65
CA ALA B 199 15.82 -18.23 -8.83
C ALA B 199 16.73 -17.31 -9.60
N VAL B 200 17.30 -16.35 -8.91
CA VAL B 200 18.15 -15.37 -9.50
C VAL B 200 19.49 -15.34 -8.81
N ALA B 201 20.49 -15.04 -9.60
CA ALA B 201 21.86 -14.90 -9.18
C ALA B 201 22.64 -14.07 -10.17
N PRO B 202 23.66 -13.36 -9.70
CA PRO B 202 24.56 -12.71 -10.62
C PRO B 202 25.35 -13.80 -11.30
N THR B 203 25.62 -13.57 -12.54
CA THR B 203 26.39 -14.48 -13.35
C THR B 203 27.73 -13.91 -13.73
N PHE B 204 28.20 -12.91 -13.00
CA PHE B 204 29.40 -12.24 -13.37
C PHE B 204 30.28 -12.21 -12.13
N PRO B 205 31.60 -12.32 -12.33
CA PRO B 205 32.50 -12.30 -11.20
C PRO B 205 32.51 -10.95 -10.53
N GLY B 206 32.47 -10.91 -9.22
CA GLY B 206 32.55 -9.65 -8.54
C GLY B 206 31.23 -8.90 -8.48
N GLU B 207 30.18 -9.60 -8.88
CA GLU B 207 28.81 -9.06 -8.87
C GLU B 207 27.96 -9.72 -7.83
N GLN B 208 27.04 -8.89 -7.34
CA GLN B 208 26.04 -9.22 -6.36
C GLN B 208 24.68 -8.62 -6.76
N LEU B 209 23.67 -9.24 -6.22
CA LEU B 209 22.34 -8.72 -6.33
C LEU B 209 22.28 -7.42 -5.57
N LEU B 210 21.51 -6.51 -6.12
CA LEU B 210 21.10 -5.30 -5.42
C LEU B 210 19.65 -5.43 -4.99
N PHE B 211 19.44 -5.28 -3.71
CA PHE B 211 18.16 -5.46 -3.07
C PHE B 211 17.58 -4.10 -2.63
N PHE B 212 16.27 -4.03 -2.79
CA PHE B 212 15.49 -2.96 -2.27
C PHE B 212 14.92 -3.39 -0.92
N ARG B 213 15.38 -2.73 0.13
CA ARG B 213 15.24 -3.18 1.49
C ARG B 213 14.32 -2.32 2.38
N SER B 214 13.53 -3.06 3.15
CA SER B 214 12.68 -2.56 4.20
C SER B 214 12.90 -3.31 5.51
N THR B 215 12.37 -2.74 6.57
CA THR B 215 12.31 -3.38 7.84
C THR B 215 10.86 -3.61 8.22
N MET B 216 10.49 -4.86 8.33
CA MET B 216 9.17 -5.24 8.77
C MET B 216 8.97 -4.93 10.25
N PRO B 217 7.75 -4.41 10.56
CA PRO B 217 7.42 -4.25 11.97
C PRO B 217 7.43 -5.60 12.65
N GLY B 218 7.88 -5.55 13.89
CA GLY B 218 7.88 -6.71 14.75
C GLY B 218 6.82 -6.61 15.82
N CYS B 219 6.13 -7.67 16.09
CA CYS B 219 5.00 -7.67 16.99
C CYS B 219 5.15 -8.49 18.26
N SER B 220 6.23 -9.26 18.31
CA SER B 220 6.56 -10.11 19.45
C SER B 220 7.91 -10.77 19.26
N GLY B 221 8.64 -10.92 20.33
CA GLY B 221 9.89 -11.61 20.24
C GLY B 221 11.01 -10.84 19.61
N TYR B 222 11.94 -11.58 19.04
CA TYR B 222 13.18 -11.08 18.45
C TYR B 222 13.32 -11.57 17.00
N PRO B 223 12.39 -11.07 16.16
CA PRO B 223 12.43 -11.41 14.76
C PRO B 223 13.49 -10.73 13.92
N ASN B 224 13.80 -11.40 12.81
CA ASN B 224 14.61 -10.84 11.79
C ASN B 224 13.65 -10.05 10.90
N MET B 225 13.78 -8.75 10.91
CA MET B 225 12.84 -7.91 10.25
C MET B 225 13.28 -7.40 8.89
N ASP B 226 14.45 -7.81 8.44
CA ASP B 226 14.92 -7.44 7.13
C ASP B 226 14.07 -8.11 6.01
N LEU B 227 13.70 -7.31 5.04
CA LEU B 227 12.99 -7.78 3.89
C LEU B 227 13.49 -7.14 2.64
N ASP B 228 14.01 -7.97 1.75
CA ASP B 228 14.62 -7.57 0.55
C ASP B 228 13.81 -7.98 -0.67
N CYS B 229 13.53 -7.03 -1.52
CA CYS B 229 12.85 -7.32 -2.76
C CYS B 229 13.70 -6.99 -3.97
N LEU B 230 13.38 -7.60 -5.08
CA LEU B 230 14.14 -7.45 -6.31
C LEU B 230 13.77 -6.25 -7.13
N LEU B 231 12.50 -5.85 -6.99
CA LEU B 231 11.94 -4.73 -7.66
C LEU B 231 10.94 -4.04 -6.75
N PRO B 232 10.99 -2.70 -6.77
CA PRO B 232 9.94 -1.95 -6.11
C PRO B 232 8.59 -2.22 -6.77
N GLN B 233 7.56 -2.12 -5.97
CA GLN B 233 6.20 -2.35 -6.46
C GLN B 233 5.82 -1.37 -7.55
N GLU B 234 6.32 -0.17 -7.42
CA GLU B 234 6.10 0.84 -8.42
C GLU B 234 6.76 0.49 -9.77
N TRP B 235 7.86 -0.20 -9.70
CA TRP B 235 8.50 -0.68 -10.90
C TRP B 235 7.67 -1.77 -11.59
N VAL B 236 7.10 -2.63 -10.81
CA VAL B 236 6.24 -3.64 -11.31
C VAL B 236 5.05 -3.00 -12.03
N GLN B 237 4.45 -2.01 -11.41
CA GLN B 237 3.34 -1.32 -11.99
C GLN B 237 3.75 -0.61 -13.24
N HIS B 238 4.92 -0.02 -13.23
CA HIS B 238 5.42 0.72 -14.38
C HIS B 238 5.69 -0.16 -15.58
N PHE B 239 6.36 -1.27 -15.38
CA PHE B 239 6.68 -2.16 -16.48
C PHE B 239 5.39 -2.77 -17.04
N TYR B 240 4.47 -3.08 -16.16
CA TYR B 240 3.22 -3.66 -16.58
C TYR B 240 2.51 -2.71 -17.51
N GLN B 241 2.49 -1.44 -17.21
CA GLN B 241 1.83 -0.50 -18.07
C GLN B 241 2.56 -0.20 -19.37
N GLU B 242 3.83 0.08 -19.24
CA GLU B 242 4.66 0.46 -20.37
C GLU B 242 4.86 -0.66 -21.39
N ALA B 243 5.17 -1.84 -20.91
CA ALA B 243 5.37 -3.00 -21.73
C ALA B 243 6.39 -2.74 -22.83
N ALA B 244 7.47 -2.06 -22.48
CA ALA B 244 8.52 -1.80 -23.43
C ALA B 244 9.36 -3.04 -23.65
N PRO B 245 9.58 -3.39 -24.91
CA PRO B 245 10.34 -4.58 -25.24
C PRO B 245 11.82 -4.53 -24.84
N ALA B 246 12.32 -5.63 -24.35
CA ALA B 246 13.69 -5.74 -23.96
C ALA B 246 14.53 -5.97 -25.21
N GLN B 247 15.37 -5.03 -25.50
CA GLN B 247 16.25 -5.12 -26.67
C GLN B 247 17.51 -5.96 -26.48
N SER B 248 17.84 -6.27 -25.22
CA SER B 248 18.95 -7.10 -24.85
C SER B 248 18.65 -7.71 -23.49
N ASP B 249 19.49 -8.59 -23.01
CA ASP B 249 19.27 -9.26 -21.76
C ASP B 249 19.36 -8.29 -20.56
N VAL B 250 20.02 -7.18 -20.76
CA VAL B 250 20.38 -6.27 -19.69
C VAL B 250 20.23 -4.82 -20.01
N ALA B 251 19.51 -4.10 -19.16
CA ALA B 251 19.41 -2.68 -19.19
C ALA B 251 20.38 -2.06 -18.22
N LEU B 252 21.19 -1.16 -18.72
CA LEU B 252 22.15 -0.48 -17.88
C LEU B 252 21.51 0.73 -17.26
N LEU B 253 21.47 0.74 -15.94
CA LEU B 253 20.97 1.87 -15.18
C LEU B 253 22.09 2.63 -14.46
N ARG B 254 21.96 3.93 -14.43
CA ARG B 254 22.78 4.80 -13.64
C ARG B 254 21.99 5.42 -12.52
N PHE B 255 22.53 5.36 -11.33
CA PHE B 255 21.98 6.05 -10.19
C PHE B 255 22.62 7.44 -10.00
N VAL B 256 21.81 8.46 -10.14
CA VAL B 256 22.19 9.84 -10.25
C VAL B 256 21.87 10.66 -9.04
N ASN B 257 22.80 11.52 -8.65
CA ASN B 257 22.60 12.46 -7.59
C ASN B 257 22.41 13.83 -8.13
N PRO B 258 21.19 14.34 -8.02
CA PRO B 258 20.88 15.67 -8.51
C PRO B 258 21.54 16.78 -7.73
N ASP B 259 21.91 16.59 -6.49
CA ASP B 259 22.57 17.64 -5.72
C ASP B 259 23.97 17.94 -6.23
N THR B 260 24.54 17.03 -7.00
CA THR B 260 25.84 17.25 -7.59
C THR B 260 25.89 17.10 -9.12
N GLY B 261 24.90 16.42 -9.68
CA GLY B 261 24.88 16.14 -11.09
C GLY B 261 25.69 14.95 -11.49
N ARG B 262 26.25 14.24 -10.54
CA ARG B 262 27.11 13.13 -10.85
C ARG B 262 26.42 11.80 -10.63
N VAL B 263 26.83 10.80 -11.38
CA VAL B 263 26.47 9.43 -11.21
C VAL B 263 27.16 8.81 -10.01
N LEU B 264 26.38 8.28 -9.11
CA LEU B 264 26.91 7.52 -7.99
C LEU B 264 27.42 6.13 -8.28
N PHE B 265 26.62 5.36 -9.00
CA PHE B 265 26.95 4.02 -9.41
C PHE B 265 26.13 3.59 -10.58
N GLU B 266 26.52 2.50 -11.20
CA GLU B 266 25.78 1.93 -12.27
C GLU B 266 25.48 0.49 -11.92
N CYS B 267 24.43 -0.04 -12.53
CA CYS B 267 23.94 -1.33 -12.25
C CYS B 267 23.23 -1.97 -13.43
N LYS B 268 23.06 -3.27 -13.39
CA LYS B 268 22.38 -4.00 -14.41
C LYS B 268 20.96 -4.38 -13.95
N LEU B 269 19.99 -3.93 -14.71
CA LEU B 269 18.63 -4.44 -14.62
C LEU B 269 18.43 -5.54 -15.68
N HIS B 270 18.41 -6.76 -15.22
CA HIS B 270 18.22 -7.89 -16.08
C HIS B 270 16.79 -7.92 -16.56
N LYS B 271 16.58 -8.36 -17.78
CA LYS B 271 15.26 -8.31 -18.35
C LYS B 271 14.25 -9.18 -17.63
N SER B 272 14.69 -10.17 -16.92
CA SER B 272 13.81 -11.06 -16.23
C SER B 272 13.38 -10.46 -14.86
N GLY B 273 13.90 -9.30 -14.56
CA GLY B 273 13.49 -8.54 -13.40
C GLY B 273 14.24 -8.60 -12.09
N TYR B 274 15.50 -8.25 -12.15
CA TYR B 274 16.35 -8.14 -10.98
C TYR B 274 17.58 -7.28 -11.29
N VAL B 275 18.25 -6.80 -10.27
CA VAL B 275 19.35 -5.87 -10.42
C VAL B 275 20.63 -6.41 -9.82
N THR B 276 21.74 -6.20 -10.51
CA THR B 276 23.04 -6.55 -9.98
C THR B 276 24.02 -5.38 -10.01
N VAL B 277 25.00 -5.42 -9.13
CA VAL B 277 26.00 -4.40 -9.02
C VAL B 277 27.39 -5.06 -8.85
N ALA B 278 28.42 -4.32 -9.14
CA ALA B 278 29.79 -4.79 -8.89
C ALA B 278 30.31 -4.43 -7.54
N HIS B 279 30.18 -5.35 -6.63
CA HIS B 279 30.63 -5.23 -5.26
C HIS B 279 30.81 -6.57 -4.63
N THR B 280 31.75 -6.65 -3.70
CA THR B 280 31.93 -7.84 -2.95
C THR B 280 31.77 -7.53 -1.50
N GLY B 281 30.86 -8.20 -0.83
CA GLY B 281 30.61 -7.99 0.57
C GLY B 281 29.24 -7.40 0.92
N GLN B 282 28.87 -7.47 2.19
CA GLN B 282 27.63 -6.91 2.61
C GLN B 282 27.80 -5.45 2.75
N HIS B 283 26.93 -4.68 2.15
CA HIS B 283 26.99 -3.26 2.21
C HIS B 283 25.61 -2.61 2.15
N ASP B 284 25.33 -1.77 3.11
CA ASP B 284 24.20 -0.90 3.09
C ASP B 284 24.60 0.31 2.25
N LEU B 285 23.99 0.54 1.13
CA LEU B 285 24.30 1.68 0.33
C LEU B 285 23.87 2.93 1.02
N VAL B 286 24.72 3.92 0.87
CA VAL B 286 24.44 5.22 1.35
C VAL B 286 24.11 6.09 0.14
N ILE B 287 22.92 6.62 0.12
CA ILE B 287 22.43 7.33 -1.00
C ILE B 287 21.78 8.58 -0.60
N PRO B 288 21.82 9.58 -1.47
CA PRO B 288 21.09 10.79 -1.21
C PRO B 288 19.61 10.63 -1.39
N PRO B 289 18.85 11.35 -0.60
CA PRO B 289 17.41 11.16 -0.58
C PRO B 289 16.80 11.44 -1.90
N ASN B 290 17.36 12.33 -2.69
CA ASN B 290 16.85 12.65 -4.01
C ASN B 290 17.46 11.89 -5.19
N GLY B 291 18.26 10.92 -4.88
CA GLY B 291 18.84 10.07 -5.87
C GLY B 291 17.81 9.24 -6.61
N TYR B 292 18.07 9.02 -7.88
CA TYR B 292 17.20 8.23 -8.72
C TYR B 292 17.92 7.39 -9.76
N PHE B 293 17.24 6.34 -10.20
CA PHE B 293 17.67 5.45 -11.26
C PHE B 293 17.23 5.98 -12.61
N ARG B 294 18.13 5.86 -13.56
CA ARG B 294 17.92 6.34 -14.93
C ARG B 294 18.41 5.30 -15.91
N PHE B 295 17.56 4.89 -16.84
CA PHE B 295 17.96 3.96 -17.86
C PHE B 295 18.79 4.68 -18.90
N ASP B 296 19.95 4.15 -19.16
CA ASP B 296 20.83 4.73 -20.14
C ASP B 296 20.99 3.94 -21.42
N SER B 297 21.21 2.65 -21.38
CA SER B 297 21.34 1.87 -22.59
C SER B 297 21.15 0.39 -22.37
N TRP B 298 20.87 -0.35 -23.45
CA TRP B 298 20.87 -1.79 -23.43
C TRP B 298 22.28 -2.39 -23.61
N VAL B 299 22.66 -3.31 -22.76
CA VAL B 299 23.94 -4.07 -22.86
C VAL B 299 23.68 -5.55 -22.72
N ASN B 300 24.63 -6.31 -22.18
CA ASN B 300 24.42 -7.73 -22.01
C ASN B 300 25.06 -8.37 -20.78
N GLN B 301 24.87 -9.66 -20.66
CA GLN B 301 25.32 -10.34 -19.50
C GLN B 301 26.84 -10.25 -19.39
N PHE B 302 27.49 -9.96 -20.50
CA PHE B 302 28.96 -9.87 -20.49
C PHE B 302 29.54 -8.48 -20.15
N TYR B 303 28.70 -7.48 -20.01
CA TYR B 303 29.14 -6.13 -19.72
C TYR B 303 29.76 -6.01 -18.35
N THR B 304 30.88 -5.34 -18.31
CA THR B 304 31.59 -5.20 -17.10
C THR B 304 31.27 -3.85 -16.45
N LEU B 305 30.66 -3.89 -15.29
CA LEU B 305 30.31 -2.67 -14.60
C LEU B 305 31.48 -2.02 -13.92
N ALA B 306 31.41 -0.74 -13.79
CA ALA B 306 32.24 -0.03 -12.86
C ALA B 306 31.92 -0.42 -11.44
N PRO B 307 32.94 -0.68 -10.64
CA PRO B 307 32.74 -1.03 -9.26
C PRO B 307 31.92 -0.02 -8.52
N MET B 308 31.00 -0.54 -7.73
CA MET B 308 30.06 0.30 -7.01
C MET B 308 30.79 1.20 -6.07
#